data_2Q2I
#
_entry.id   2Q2I
#
_cell.length_a   60.653
_cell.length_b   60.653
_cell.length_c   113.389
_cell.angle_alpha   90.000
_cell.angle_beta   90.000
_cell.angle_gamma   120.000
#
_symmetry.space_group_name_H-M   'P 61'
#
loop_
_entity.id
_entity.type
_entity.pdbx_description
1 polymer 'Secretion chaperone'
2 non-polymer 'SULFATE ION'
3 non-polymer 1,2-ETHANEDIOL
4 water water
#
_entity_poly.entity_id   1
_entity_poly.type   'polypeptide(L)'
_entity_poly.pdbx_seq_one_letter_code
;GSHMSGEISYADFEKVDIRVGTIVEAVPFPEARKPAIKVKIDFGPEIGIKKSSAQITVHYTPESLVGRQVLGVVNFPPRQ
IGPFRSEVLTLGFADANGDIVLAAVERPVPNGEKMC
;
_entity_poly.pdbx_strand_id   A,B
#
loop_
_chem_comp.id
_chem_comp.type
_chem_comp.name
_chem_comp.formula
EDO non-polymer 1,2-ETHANEDIOL 'C2 H6 O2'
SO4 non-polymer 'SULFATE ION' 'O4 S -2'
#
# COMPACT_ATOMS: atom_id res chain seq x y z
N SER A 5 -5.88 -16.55 -1.98
CA SER A 5 -5.21 -16.47 -3.31
C SER A 5 -3.94 -17.30 -3.36
N GLY A 6 -3.79 -18.08 -4.41
CA GLY A 6 -2.63 -18.95 -4.58
C GLY A 6 -1.32 -18.18 -4.64
N GLU A 7 -0.22 -18.90 -4.50
CA GLU A 7 1.09 -18.25 -4.52
C GLU A 7 1.40 -17.68 -5.88
N ILE A 8 2.24 -16.64 -5.87
CA ILE A 8 2.61 -15.95 -7.09
C ILE A 8 4.13 -15.76 -7.20
N SER A 9 4.56 -15.51 -8.44
CA SER A 9 5.94 -15.12 -8.71
C SER A 9 6.18 -13.64 -8.38
N TYR A 10 7.44 -13.28 -8.26
CA TYR A 10 7.74 -11.84 -8.18
C TYR A 10 7.23 -11.09 -9.42
N ALA A 11 7.37 -11.71 -10.61
CA ALA A 11 6.94 -11.04 -11.84
C ALA A 11 5.46 -10.66 -11.78
N ASP A 12 4.64 -11.55 -11.22
CA ASP A 12 3.20 -11.28 -11.16
C ASP A 12 2.81 -10.21 -10.14
N PHE A 13 3.68 -9.99 -9.16
CA PHE A 13 3.55 -8.84 -8.27
C PHE A 13 4.05 -7.57 -8.98
N GLU A 14 5.26 -7.63 -9.55
CA GLU A 14 5.88 -6.45 -10.15
C GLU A 14 5.08 -5.83 -11.30
N LYS A 15 4.36 -6.66 -12.05
CA LYS A 15 3.58 -6.14 -13.19
C LYS A 15 2.40 -5.28 -12.78
N VAL A 16 2.02 -5.37 -11.50
CA VAL A 16 0.98 -4.50 -10.94
C VAL A 16 1.69 -3.20 -10.57
N ASP A 17 1.33 -2.10 -11.22
CA ASP A 17 2.09 -0.89 -11.04
C ASP A 17 1.44 0.01 -9.98
N ILE A 18 1.92 -0.11 -8.75
CA ILE A 18 1.41 0.70 -7.64
C ILE A 18 2.39 1.84 -7.37
N ARG A 19 1.86 3.07 -7.40
CA ARG A 19 2.67 4.27 -7.20
C ARG A 19 2.10 5.08 -6.05
N VAL A 20 2.95 5.89 -5.43
CA VAL A 20 2.51 6.91 -4.48
C VAL A 20 2.35 8.24 -5.22
N GLY A 21 1.32 9.00 -4.86
CA GLY A 21 1.09 10.31 -5.45
C GLY A 21 0.38 11.18 -4.44
N THR A 22 0.28 12.48 -4.74
CA THR A 22 -0.29 13.46 -3.79
C THR A 22 -1.61 13.97 -4.32
N ILE A 23 -2.67 13.91 -3.50
CA ILE A 23 -3.97 14.44 -3.93
C ILE A 23 -3.85 15.95 -4.11
N VAL A 24 -4.25 16.43 -5.28
CA VAL A 24 -4.22 17.86 -5.60
C VAL A 24 -5.60 18.48 -5.72
N GLU A 25 -6.62 17.65 -5.88
CA GLU A 25 -8.00 18.14 -5.94
C GLU A 25 -8.92 17.08 -5.37
N ALA A 26 -9.97 17.50 -4.67
CA ALA A 26 -10.96 16.56 -4.13
C ALA A 26 -12.33 17.23 -4.09
N VAL A 27 -13.33 16.51 -4.56
CA VAL A 27 -14.68 17.04 -4.53
C VAL A 27 -15.67 15.92 -4.22
N PRO A 28 -16.83 16.26 -3.63
CA PRO A 28 -17.87 15.25 -3.44
C PRO A 28 -18.35 14.64 -4.77
N PHE A 29 -18.82 13.41 -4.72
CA PHE A 29 -19.31 12.71 -5.88
C PHE A 29 -20.77 12.30 -5.60
N PRO A 30 -21.69 13.30 -5.50
CA PRO A 30 -23.08 12.98 -5.11
C PRO A 30 -23.81 12.09 -6.13
N GLU A 31 -23.29 12.03 -7.36
CA GLU A 31 -23.87 11.21 -8.42
C GLU A 31 -23.73 9.71 -8.16
N ALA A 32 -22.73 9.34 -7.34
CA ALA A 32 -22.47 7.94 -7.03
C ALA A 32 -23.57 7.31 -6.17
N ARG A 33 -23.74 6.01 -6.28
CA ARG A 33 -24.74 5.28 -5.49
C ARG A 33 -24.48 5.38 -3.98
N LYS A 34 -23.23 5.13 -3.59
CA LYS A 34 -22.81 5.24 -2.20
C LYS A 34 -22.02 6.55 -2.04
N PRO A 35 -21.94 7.09 -0.80
CA PRO A 35 -21.18 8.33 -0.63
C PRO A 35 -19.72 8.17 -1.04
N ALA A 36 -19.20 9.13 -1.79
CA ALA A 36 -17.87 8.99 -2.34
C ALA A 36 -17.28 10.36 -2.63
N ILE A 37 -15.98 10.36 -2.92
CA ILE A 37 -15.22 11.57 -3.20
C ILE A 37 -14.42 11.29 -4.47
N LYS A 38 -14.39 12.25 -5.39
CA LYS A 38 -13.55 12.21 -6.60
C LYS A 38 -12.25 12.97 -6.34
N VAL A 39 -11.12 12.45 -6.79
CA VAL A 39 -9.85 13.14 -6.55
C VAL A 39 -9.04 13.21 -7.84
N LYS A 40 -8.14 14.17 -7.89
CA LYS A 40 -7.03 14.15 -8.85
C LYS A 40 -5.76 13.96 -8.05
N ILE A 41 -4.90 13.05 -8.51
CA ILE A 41 -3.66 12.68 -7.78
C ILE A 41 -2.47 12.99 -8.68
N ASP A 42 -1.52 13.76 -8.17
CA ASP A 42 -0.28 13.99 -8.89
C ASP A 42 0.71 12.85 -8.65
N PHE A 43 0.90 12.03 -9.68
CA PHE A 43 1.82 10.90 -9.59
C PHE A 43 3.21 11.23 -10.12
N GLY A 44 3.55 12.53 -10.17
CA GLY A 44 4.87 12.97 -10.60
C GLY A 44 4.93 13.31 -12.08
N PRO A 45 6.08 13.83 -12.52
CA PRO A 45 6.18 14.37 -13.87
C PRO A 45 6.03 13.34 -15.01
N GLU A 46 6.45 12.09 -14.78
CA GLU A 46 6.35 11.07 -15.81
C GLU A 46 4.90 10.61 -16.00
N ILE A 47 4.25 10.22 -14.91
CA ILE A 47 2.88 9.69 -14.98
C ILE A 47 1.85 10.81 -15.09
N GLY A 48 2.09 11.89 -14.36
CA GLY A 48 1.20 13.05 -14.45
C GLY A 48 0.06 12.95 -13.47
N ILE A 49 -0.97 13.77 -13.70
CA ILE A 49 -2.12 13.87 -12.81
C ILE A 49 -3.23 12.94 -13.28
N LYS A 50 -3.72 12.12 -12.36
CA LYS A 50 -4.71 11.08 -12.70
C LYS A 50 -5.95 11.19 -11.83
N LYS A 51 -7.08 10.82 -12.41
CA LYS A 51 -8.35 10.83 -11.72
C LYS A 51 -8.62 9.54 -10.98
N SER A 52 -9.25 9.66 -9.82
CA SER A 52 -9.71 8.47 -9.08
C SER A 52 -10.89 8.86 -8.22
N SER A 53 -11.50 7.87 -7.59
CA SER A 53 -12.61 8.12 -6.68
C SER A 53 -12.68 6.99 -5.66
N ALA A 54 -13.30 7.24 -4.52
CA ALA A 54 -13.43 6.20 -3.50
C ALA A 54 -14.51 6.53 -2.48
N GLN A 55 -15.03 5.49 -1.85
CA GLN A 55 -16.00 5.62 -0.77
C GLN A 55 -15.28 5.91 0.55
N ILE A 56 -14.77 7.14 0.66
CA ILE A 56 -13.87 7.52 1.75
C ILE A 56 -14.43 8.72 2.53
N THR A 57 -15.75 8.84 2.55
CA THR A 57 -16.37 9.99 3.21
C THR A 57 -16.47 9.85 4.74
N VAL A 58 -16.28 8.64 5.28
CA VAL A 58 -16.42 8.48 6.72
C VAL A 58 -15.26 9.15 7.45
N HIS A 59 -14.03 8.83 7.05
CA HIS A 59 -12.86 9.36 7.74
C HIS A 59 -12.24 10.59 7.12
N TYR A 60 -12.58 10.88 5.86
CA TYR A 60 -11.91 11.94 5.10
C TYR A 60 -12.90 12.92 4.52
N THR A 61 -12.37 14.08 4.14
CA THR A 61 -13.19 15.14 3.55
C THR A 61 -12.45 15.69 2.34
N PRO A 62 -13.18 16.29 1.39
CA PRO A 62 -12.49 16.96 0.28
C PRO A 62 -11.48 18.01 0.73
N GLU A 63 -11.79 18.68 1.82
CA GLU A 63 -10.94 19.73 2.34
C GLU A 63 -9.65 19.19 2.97
N SER A 64 -9.72 18.05 3.64
CA SER A 64 -8.55 17.48 4.34
C SER A 64 -7.69 16.60 3.45
N LEU A 65 -8.25 16.12 2.35
CA LEU A 65 -7.54 15.16 1.51
C LEU A 65 -6.45 15.80 0.65
N VAL A 66 -6.64 17.07 0.28
CA VAL A 66 -5.67 17.72 -0.58
C VAL A 66 -4.32 17.80 0.14
N GLY A 67 -3.29 17.27 -0.50
CA GLY A 67 -1.93 17.26 0.05
C GLY A 67 -1.54 15.91 0.64
N ARG A 68 -2.51 15.00 0.77
CA ARG A 68 -2.22 13.67 1.31
C ARG A 68 -1.61 12.79 0.23
N GLN A 69 -0.60 11.99 0.59
CA GLN A 69 -0.10 11.00 -0.36
C GLN A 69 -0.86 9.71 -0.20
N VAL A 70 -1.31 9.19 -1.35
CA VAL A 70 -2.07 7.95 -1.42
C VAL A 70 -1.35 6.97 -2.35
N LEU A 71 -1.73 5.70 -2.27
CA LEU A 71 -1.15 4.66 -3.12
C LEU A 71 -2.23 4.28 -4.13
N GLY A 72 -1.85 4.13 -5.39
CA GLY A 72 -2.83 3.74 -6.41
C GLY A 72 -2.27 2.80 -7.45
N VAL A 73 -3.11 1.92 -7.97
CA VAL A 73 -2.76 1.15 -9.16
C VAL A 73 -2.93 2.05 -10.38
N VAL A 74 -1.83 2.26 -11.11
CA VAL A 74 -1.85 3.21 -12.22
C VAL A 74 -1.95 2.57 -13.60
N ASN A 75 -1.85 1.24 -13.68
CA ASN A 75 -1.84 0.58 -15.00
C ASN A 75 -3.04 -0.31 -15.33
N PHE A 76 -4.20 0.05 -14.78
CA PHE A 76 -5.47 -0.50 -15.24
C PHE A 76 -5.95 0.31 -16.46
N PRO A 77 -6.80 -0.31 -17.29
CA PRO A 77 -7.53 0.50 -18.25
C PRO A 77 -8.50 1.40 -17.51
N PRO A 78 -8.90 2.54 -18.12
CA PRO A 78 -9.86 3.45 -17.51
C PRO A 78 -11.16 2.73 -17.17
N ARG A 79 -11.82 3.17 -16.10
CA ARG A 79 -13.06 2.56 -15.62
C ARG A 79 -14.13 3.64 -15.52
N GLN A 80 -15.25 3.43 -16.20
CA GLN A 80 -16.34 4.37 -16.17
C GLN A 80 -17.22 4.03 -14.95
N ILE A 81 -17.29 4.97 -14.02
CA ILE A 81 -18.06 4.84 -12.76
C ILE A 81 -19.16 5.89 -12.86
N GLY A 82 -20.31 5.46 -13.35
CA GLY A 82 -21.33 6.42 -13.67
C GLY A 82 -20.76 7.43 -14.65
N PRO A 83 -20.92 8.74 -14.36
CA PRO A 83 -20.47 9.80 -15.28
C PRO A 83 -18.95 10.04 -15.21
N PHE A 84 -18.28 9.35 -14.30
CA PHE A 84 -16.88 9.66 -13.99
C PHE A 84 -15.96 8.60 -14.60
N ARG A 85 -14.96 9.03 -15.38
CA ARG A 85 -14.01 8.10 -15.98
C ARG A 85 -12.75 8.07 -15.11
N SER A 86 -12.67 7.03 -14.27
CA SER A 86 -11.55 6.88 -13.35
C SER A 86 -10.33 6.27 -14.03
N GLU A 87 -9.14 6.74 -13.64
CA GLU A 87 -7.90 6.27 -14.26
C GLU A 87 -7.06 5.42 -13.32
N VAL A 88 -7.38 5.48 -12.02
CA VAL A 88 -6.57 4.87 -10.98
C VAL A 88 -7.44 4.28 -9.87
N LEU A 89 -7.03 3.13 -9.32
CA LEU A 89 -7.64 2.57 -8.12
C LEU A 89 -6.84 3.08 -6.94
N THR A 90 -7.49 3.84 -6.07
CA THR A 90 -6.87 4.36 -4.87
C THR A 90 -7.01 3.30 -3.77
N LEU A 91 -5.89 2.92 -3.14
CA LEU A 91 -5.85 1.74 -2.30
C LEU A 91 -6.13 2.01 -0.82
N GLY A 92 -6.80 1.06 -0.19
CA GLY A 92 -7.16 1.20 1.22
C GLY A 92 -7.57 -0.14 1.80
N PHE A 93 -8.11 -0.08 3.01
CA PHE A 93 -8.47 -1.23 3.80
C PHE A 93 -9.78 -0.94 4.53
N ALA A 94 -10.59 -1.97 4.75
CA ALA A 94 -11.73 -1.83 5.65
C ALA A 94 -11.27 -1.81 7.11
N ASP A 95 -11.76 -0.83 7.87
CA ASP A 95 -11.50 -0.82 9.31
C ASP A 95 -12.46 -1.76 10.07
N ALA A 96 -12.42 -1.74 11.40
CA ALA A 96 -13.23 -2.68 12.20
C ALA A 96 -14.73 -2.57 11.92
N ASN A 97 -15.16 -1.39 11.45
CA ASN A 97 -16.58 -1.16 11.09
C ASN A 97 -16.88 -1.28 9.60
N GLY A 98 -15.87 -1.59 8.79
CA GLY A 98 -16.03 -1.73 7.35
C GLY A 98 -15.79 -0.45 6.57
N ASP A 99 -15.47 0.64 7.28
CA ASP A 99 -15.21 1.92 6.63
C ASP A 99 -13.79 1.98 6.09
N ILE A 100 -13.59 2.71 4.99
CA ILE A 100 -12.30 2.66 4.30
C ILE A 100 -11.26 3.56 4.91
N VAL A 101 -10.10 2.98 5.18
CA VAL A 101 -8.89 3.68 5.66
C VAL A 101 -7.89 3.65 4.54
N LEU A 102 -7.31 4.80 4.20
CA LEU A 102 -6.39 4.86 3.08
C LEU A 102 -5.02 4.24 3.40
N ALA A 103 -4.45 3.55 2.41
CA ALA A 103 -3.04 3.21 2.48
C ALA A 103 -2.24 4.52 2.47
N ALA A 104 -1.03 4.52 3.04
CA ALA A 104 -0.25 5.75 3.21
C ALA A 104 1.25 5.44 3.13
N VAL A 105 2.06 6.48 3.24
CA VAL A 105 3.49 6.28 3.45
C VAL A 105 3.90 6.88 4.78
N GLU A 106 4.85 6.25 5.45
CA GLU A 106 5.25 6.68 6.79
C GLU A 106 5.85 8.09 6.86
N ARG A 107 6.49 8.51 5.78
CA ARG A 107 6.98 9.89 5.62
C ARG A 107 6.98 10.22 4.12
N PRO A 108 7.06 11.53 3.77
CA PRO A 108 6.97 11.92 2.36
C PRO A 108 8.00 11.26 1.46
N VAL A 109 7.52 10.84 0.30
CA VAL A 109 8.39 10.28 -0.74
C VAL A 109 8.09 10.94 -2.07
N PRO A 110 9.05 10.90 -3.02
CA PRO A 110 8.78 11.51 -4.32
C PRO A 110 7.53 10.95 -4.99
N ASN A 111 6.69 11.84 -5.53
CA ASN A 111 5.52 11.37 -6.27
C ASN A 111 5.97 10.54 -7.47
N GLY A 112 5.28 9.41 -7.67
CA GLY A 112 5.59 8.52 -8.76
C GLY A 112 6.55 7.38 -8.43
N GLU A 113 7.01 7.30 -7.17
CA GLU A 113 7.78 6.13 -6.76
C GLU A 113 6.92 4.87 -6.76
N LYS A 114 7.52 3.77 -7.22
CA LYS A 114 6.85 2.49 -7.29
C LYS A 114 7.00 1.70 -5.99
N MET A 115 5.92 1.05 -5.56
CA MET A 115 5.92 0.23 -4.36
C MET A 115 6.69 -1.05 -4.64
N CYS A 116 7.56 -1.42 -3.69
CA CYS A 116 8.37 -2.62 -3.85
C CYS A 116 8.77 -3.18 -2.49
N SER B 5 4.57 0.56 -16.13
CA SER B 5 4.33 -0.82 -16.64
C SER B 5 3.17 -0.87 -17.64
N GLY B 6 3.21 -1.85 -18.54
CA GLY B 6 2.11 -2.13 -19.47
C GLY B 6 0.79 -2.43 -18.77
N GLU B 7 -0.31 -2.31 -19.51
CA GLU B 7 -1.62 -2.44 -18.91
C GLU B 7 -1.91 -3.85 -18.36
N ILE B 8 -2.56 -3.90 -17.19
CA ILE B 8 -3.00 -5.15 -16.57
C ILE B 8 -4.52 -5.17 -16.36
N SER B 9 -5.07 -6.34 -16.05
CA SER B 9 -6.49 -6.47 -15.73
C SER B 9 -6.74 -6.44 -14.23
N TYR B 10 -7.99 -6.22 -13.82
CA TYR B 10 -8.37 -6.34 -12.42
C TYR B 10 -8.01 -7.71 -11.87
N ALA B 11 -8.18 -8.75 -12.69
CA ALA B 11 -7.82 -10.11 -12.31
C ALA B 11 -6.34 -10.24 -11.98
N ASP B 12 -5.49 -9.57 -12.76
CA ASP B 12 -4.06 -9.58 -12.45
C ASP B 12 -3.78 -9.00 -11.06
N PHE B 13 -4.48 -7.91 -10.73
CA PHE B 13 -4.29 -7.26 -9.43
C PHE B 13 -4.79 -8.20 -8.33
N GLU B 14 -5.89 -8.89 -8.59
CA GLU B 14 -6.47 -9.78 -7.60
C GLU B 14 -5.58 -10.99 -7.22
N LYS B 15 -4.64 -11.35 -8.10
CA LYS B 15 -3.73 -12.46 -7.82
C LYS B 15 -2.75 -12.11 -6.71
N VAL B 16 -2.60 -10.81 -6.44
CA VAL B 16 -1.63 -10.34 -5.46
C VAL B 16 -2.33 -10.21 -4.11
N ASP B 17 -1.75 -10.83 -3.08
CA ASP B 17 -2.42 -10.78 -1.76
C ASP B 17 -1.61 -9.93 -0.80
N ILE B 18 -2.02 -8.67 -0.64
CA ILE B 18 -1.34 -7.74 0.26
C ILE B 18 -2.22 -7.51 1.48
N ARG B 19 -1.64 -7.70 2.66
CA ARG B 19 -2.37 -7.53 3.93
C ARG B 19 -1.65 -6.52 4.79
N VAL B 20 -2.40 -5.94 5.72
CA VAL B 20 -1.82 -5.14 6.80
C VAL B 20 -1.57 -6.05 8.03
N GLY B 21 -0.44 -5.85 8.69
CA GLY B 21 -0.13 -6.54 9.96
C GLY B 21 0.69 -5.65 10.87
N THR B 22 0.93 -6.12 12.08
CA THR B 22 1.64 -5.33 13.07
C THR B 22 3.00 -5.95 13.39
N ILE B 23 4.05 -5.16 13.32
CA ILE B 23 5.35 -5.68 13.69
C ILE B 23 5.36 -5.99 15.20
N VAL B 24 5.65 -7.26 15.53
CA VAL B 24 5.70 -7.67 16.95
C VAL B 24 7.11 -7.93 17.49
N GLU B 25 8.07 -8.06 16.57
CA GLU B 25 9.45 -8.32 16.94
C GLU B 25 10.36 -7.73 15.86
N ALA B 26 11.48 -7.15 16.26
CA ALA B 26 12.42 -6.61 15.29
C ALA B 26 13.82 -6.72 15.85
N VAL B 27 14.74 -7.25 15.06
CA VAL B 27 16.16 -7.35 15.46
C VAL B 27 17.06 -7.01 14.27
N PRO B 28 18.24 -6.41 14.54
CA PRO B 28 19.16 -6.16 13.44
C PRO B 28 19.62 -7.42 12.71
N PHE B 29 19.83 -7.26 11.41
CA PHE B 29 20.30 -8.31 10.51
C PHE B 29 21.61 -7.79 9.90
N PRO B 30 22.74 -7.97 10.61
CA PRO B 30 24.05 -7.46 10.15
C PRO B 30 24.44 -7.89 8.73
N GLU B 31 24.39 -9.20 8.48
CA GLU B 31 24.53 -9.80 7.15
C GLU B 31 25.50 -11.00 7.12
N PRO B 35 22.60 -3.71 4.81
CA PRO B 35 22.22 -3.67 6.22
C PRO B 35 20.71 -3.77 6.36
N ALA B 36 20.24 -4.67 7.22
CA ALA B 36 18.82 -4.96 7.31
C ALA B 36 18.31 -5.17 8.73
N ILE B 37 16.99 -5.25 8.84
CA ILE B 37 16.34 -5.64 10.08
C ILE B 37 15.43 -6.83 9.80
N LYS B 38 15.49 -7.84 10.67
CA LYS B 38 14.55 -8.96 10.62
C LYS B 38 13.34 -8.61 11.48
N VAL B 39 12.14 -8.90 10.97
CA VAL B 39 10.90 -8.64 11.72
C VAL B 39 9.99 -9.87 11.74
N LYS B 40 9.15 -9.95 12.78
CA LYS B 40 7.95 -10.77 12.74
C LYS B 40 6.75 -9.86 12.72
N ILE B 41 5.77 -10.22 11.91
CA ILE B 41 4.59 -9.39 11.66
C ILE B 41 3.35 -10.21 11.97
N ASP B 42 2.47 -9.65 12.79
CA ASP B 42 1.22 -10.30 13.11
C ASP B 42 0.16 -9.93 12.06
N PHE B 43 -0.16 -10.89 11.18
CA PHE B 43 -1.20 -10.69 10.16
C PHE B 43 -2.57 -11.21 10.61
N GLY B 44 -2.77 -11.38 11.91
CA GLY B 44 -4.12 -11.72 12.41
C GLY B 44 -4.43 -13.22 12.38
N PRO B 45 -5.65 -13.60 12.80
CA PRO B 45 -5.99 -15.01 13.08
C PRO B 45 -5.89 -16.01 11.91
N GLU B 46 -6.15 -15.56 10.69
CA GLU B 46 -6.16 -16.47 9.54
C GLU B 46 -4.77 -16.76 8.99
N ILE B 47 -3.90 -15.76 9.03
CA ILE B 47 -2.56 -15.86 8.47
C ILE B 47 -1.51 -16.12 9.53
N GLY B 48 -1.66 -15.46 10.68
CA GLY B 48 -0.75 -15.64 11.82
C GLY B 48 0.51 -14.81 11.70
N ILE B 49 1.56 -15.24 12.41
CA ILE B 49 2.82 -14.49 12.49
C ILE B 49 3.68 -14.90 11.29
N LYS B 50 4.24 -13.89 10.60
CA LYS B 50 5.12 -14.13 9.47
C LYS B 50 6.42 -13.37 9.60
N LYS B 51 7.50 -13.97 9.09
CA LYS B 51 8.81 -13.33 9.14
C LYS B 51 9.13 -12.57 7.87
N SER B 52 9.90 -11.50 8.03
CA SER B 52 10.37 -10.72 6.90
C SER B 52 11.68 -10.03 7.26
N SER B 53 12.39 -9.57 6.25
CA SER B 53 13.56 -8.74 6.48
C SER B 53 13.59 -7.62 5.45
N ALA B 54 14.13 -6.47 5.86
CA ALA B 54 14.16 -5.33 4.97
C ALA B 54 15.30 -4.37 5.28
N GLN B 55 15.82 -3.74 4.22
CA GLN B 55 16.87 -2.75 4.34
C GLN B 55 16.28 -1.42 4.76
N ILE B 56 15.86 -1.36 6.03
CA ILE B 56 15.12 -0.21 6.57
C ILE B 56 15.82 0.42 7.77
N THR B 57 17.14 0.33 7.81
CA THR B 57 17.92 0.84 8.93
C THR B 57 18.15 2.36 8.88
N VAL B 58 17.94 2.97 7.71
CA VAL B 58 18.17 4.42 7.58
C VAL B 58 17.14 5.24 8.36
N HIS B 59 15.84 5.00 8.13
CA HIS B 59 14.79 5.72 8.85
C HIS B 59 14.24 5.04 10.10
N TYR B 60 14.55 3.77 10.28
CA TYR B 60 13.96 3.01 11.38
C TYR B 60 14.98 2.31 12.21
N THR B 61 14.54 1.97 13.42
CA THR B 61 15.27 1.11 14.34
C THR B 61 14.30 0.00 14.80
N PRO B 62 14.82 -1.07 15.41
CA PRO B 62 13.96 -2.06 16.07
C PRO B 62 12.94 -1.41 17.01
N GLU B 63 13.39 -0.43 17.79
CA GLU B 63 12.51 0.28 18.72
C GLU B 63 11.37 1.04 18.05
N SER B 64 11.63 1.69 16.90
CA SER B 64 10.58 2.48 16.25
C SER B 64 9.67 1.60 15.37
N LEU B 65 10.10 0.36 15.14
CA LEU B 65 9.36 -0.56 14.29
C LEU B 65 8.30 -1.35 15.06
N VAL B 66 8.66 -1.81 16.26
CA VAL B 66 7.77 -2.72 16.99
C VAL B 66 6.53 -1.94 17.36
N GLY B 67 5.38 -2.48 16.96
CA GLY B 67 4.10 -1.82 17.19
C GLY B 67 3.50 -1.14 15.96
N ARG B 68 4.34 -0.91 14.94
CA ARG B 68 3.96 -0.27 13.69
C ARG B 68 3.12 -1.24 12.86
N GLN B 69 2.08 -0.74 12.21
CA GLN B 69 1.43 -1.54 11.16
C GLN B 69 2.12 -1.31 9.81
N VAL B 70 2.34 -2.41 9.10
CA VAL B 70 3.01 -2.40 7.79
C VAL B 70 2.19 -3.18 6.78
N LEU B 71 2.51 -3.03 5.50
CA LEU B 71 1.84 -3.81 4.47
C LEU B 71 2.81 -4.86 3.93
N GLY B 72 2.29 -6.05 3.63
CA GLY B 72 3.14 -7.11 3.13
C GLY B 72 2.44 -7.97 2.12
N VAL B 73 3.21 -8.49 1.16
CA VAL B 73 2.69 -9.46 0.22
C VAL B 73 2.81 -10.80 0.94
N VAL B 74 1.68 -11.48 1.11
CA VAL B 74 1.63 -12.70 1.92
C VAL B 74 1.62 -13.99 1.10
N ASN B 75 1.56 -13.86 -0.23
CA ASN B 75 1.48 -15.03 -1.08
C ASN B 75 2.67 -15.29 -2.03
N PHE B 76 3.86 -14.91 -1.59
CA PHE B 76 5.08 -15.43 -2.20
C PHE B 76 5.47 -16.74 -1.51
N PRO B 77 6.21 -17.60 -2.24
CA PRO B 77 6.82 -18.77 -1.61
C PRO B 77 7.80 -18.31 -0.53
N PRO B 78 7.90 -19.05 0.59
CA PRO B 78 8.91 -18.69 1.59
C PRO B 78 10.33 -18.99 1.07
N ARG B 79 11.35 -18.26 1.55
CA ARG B 79 12.72 -18.43 1.04
C ARG B 79 13.69 -18.35 2.19
N GLN B 80 14.76 -19.16 2.13
CA GLN B 80 15.80 -19.14 3.16
C GLN B 80 16.85 -18.09 2.84
N ILE B 81 17.19 -17.29 3.85
CA ILE B 81 18.36 -16.42 3.80
C ILE B 81 19.38 -16.84 4.85
N GLY B 82 20.16 -17.85 4.52
CA GLY B 82 20.88 -18.65 5.53
C GLY B 82 19.85 -19.33 6.40
N PRO B 83 20.02 -19.29 7.73
CA PRO B 83 19.06 -19.93 8.64
C PRO B 83 17.74 -19.18 8.77
N PHE B 84 17.67 -17.97 8.22
CA PHE B 84 16.46 -17.15 8.36
C PHE B 84 15.44 -17.47 7.29
N ARG B 85 14.24 -17.84 7.72
CA ARG B 85 13.17 -18.12 6.78
C ARG B 85 12.33 -16.87 6.53
N SER B 86 12.56 -16.24 5.39
CA SER B 86 11.76 -15.10 5.00
C SER B 86 10.43 -15.54 4.35
N GLU B 87 9.33 -14.97 4.84
CA GLU B 87 7.99 -15.44 4.46
C GLU B 87 7.14 -14.39 3.76
N VAL B 88 7.43 -13.12 3.99
CA VAL B 88 6.66 -12.05 3.34
C VAL B 88 7.55 -10.90 2.91
N LEU B 89 7.09 -10.20 1.88
CA LEU B 89 7.72 -8.96 1.43
C LEU B 89 7.10 -7.77 2.14
N THR B 90 7.89 -7.06 2.93
CA THR B 90 7.42 -5.86 3.65
C THR B 90 7.53 -4.70 2.66
N LEU B 91 6.41 -4.02 2.42
CA LEU B 91 6.33 -3.05 1.32
C LEU B 91 6.75 -1.64 1.67
N GLY B 92 7.38 -0.98 0.71
CA GLY B 92 7.87 0.39 0.90
C GLY B 92 8.24 1.07 -0.40
N PHE B 93 8.87 2.23 -0.26
CA PHE B 93 9.18 3.08 -1.41
C PHE B 93 10.55 3.69 -1.18
N ALA B 94 11.28 3.93 -2.26
CA ALA B 94 12.53 4.68 -2.15
C ALA B 94 12.24 6.16 -1.98
N ASP B 95 12.90 6.77 -0.99
CA ASP B 95 12.81 8.20 -0.85
C ASP B 95 13.73 8.93 -1.84
N ALA B 96 13.85 10.24 -1.70
CA ALA B 96 14.63 11.06 -2.63
C ALA B 96 16.11 10.66 -2.68
N ASN B 97 16.58 9.99 -1.63
CA ASN B 97 17.97 9.54 -1.53
C ASN B 97 18.14 8.03 -1.80
N GLY B 98 17.03 7.35 -2.09
CA GLY B 98 17.03 5.91 -2.37
C GLY B 98 16.81 5.03 -1.14
N ASP B 99 16.63 5.65 0.01
CA ASP B 99 16.41 4.92 1.26
C ASP B 99 14.95 4.58 1.46
N ILE B 100 14.71 3.45 2.13
CA ILE B 100 13.38 2.88 2.16
C ILE B 100 12.45 3.49 3.20
N VAL B 101 11.28 3.89 2.72
CA VAL B 101 10.18 4.39 3.56
C VAL B 101 9.06 3.36 3.54
N LEU B 102 8.57 2.99 4.71
CA LEU B 102 7.50 1.97 4.81
C LEU B 102 6.16 2.45 4.28
N ALA B 103 5.46 1.56 3.55
CA ALA B 103 4.03 1.75 3.32
C ALA B 103 3.34 1.65 4.70
N ALA B 104 2.18 2.31 4.83
CA ALA B 104 1.50 2.42 6.12
C ALA B 104 0.00 2.44 5.92
N VAL B 105 -0.73 2.49 7.02
CA VAL B 105 -2.15 2.85 6.98
C VAL B 105 -2.39 4.16 7.71
N GLU B 106 -3.35 4.93 7.23
CA GLU B 106 -3.57 6.27 7.81
C GLU B 106 -4.06 6.26 9.27
N ARG B 107 -4.75 5.19 9.64
CA ARG B 107 -5.19 4.95 11.03
C ARG B 107 -5.30 3.42 11.23
N PRO B 108 -5.37 2.98 12.49
CA PRO B 108 -5.39 1.53 12.72
C PRO B 108 -6.50 0.73 12.02
N VAL B 109 -6.09 -0.44 11.50
CA VAL B 109 -6.96 -1.34 10.74
C VAL B 109 -6.75 -2.73 11.37
N PRO B 110 -7.79 -3.59 11.39
CA PRO B 110 -7.52 -4.94 11.91
C PRO B 110 -6.42 -5.69 11.15
N ASN B 111 -5.50 -6.31 11.89
CA ASN B 111 -4.47 -7.13 11.24
C ASN B 111 -5.12 -8.17 10.37
N GLY B 112 -4.57 -8.34 9.17
CA GLY B 112 -5.09 -9.33 8.24
C GLY B 112 -6.07 -8.79 7.20
N GLU B 113 -6.50 -7.53 7.32
CA GLU B 113 -7.34 -6.96 6.27
C GLU B 113 -6.54 -6.86 4.97
N LYS B 114 -7.25 -7.14 3.86
CA LYS B 114 -6.69 -7.13 2.49
C LYS B 114 -6.71 -5.73 1.91
N MET B 115 -5.60 -5.36 1.24
CA MET B 115 -5.56 -4.09 0.52
C MET B 115 -6.42 -4.24 -0.74
N CYS B 116 -7.29 -3.26 -0.96
CA CYS B 116 -8.19 -3.28 -2.09
C CYS B 116 -8.53 -1.86 -2.55
S SO4 C . -15.79 1.88 -6.10
O1 SO4 C . -14.87 2.93 -6.53
O2 SO4 C . -16.08 2.02 -4.67
O3 SO4 C . -17.04 2.01 -6.85
O4 SO4 C . -15.17 0.58 -6.38
C1 EDO D . -11.60 14.43 -10.31
O1 EDO D . -11.45 14.99 -11.63
C2 EDO D . -12.21 15.54 -9.46
O2 EDO D . -11.43 15.75 -8.27
C1 EDO E . -9.46 5.58 -23.00
O1 EDO E . -10.42 4.53 -22.80
C2 EDO E . -10.15 6.93 -22.84
O2 EDO E . -10.37 7.17 -21.45
C1 EDO F . 9.75 -12.15 -3.99
O1 EDO F . 10.33 -11.35 -2.96
C2 EDO F . 10.53 -13.46 -4.12
O2 EDO F . 10.83 -13.98 -2.82
C1 EDO G . 9.08 -13.97 0.71
O1 EDO G . 9.40 -12.58 0.62
C2 EDO G . 10.35 -14.79 0.57
O2 EDO G . 11.53 -13.95 0.61
C1 EDO H . 12.52 -11.41 13.90
O1 EDO H . 13.34 -11.75 15.02
C2 EDO H . 12.60 -12.54 12.87
O2 EDO H . 12.18 -13.79 13.43
#